data_4HBR
#
_entry.id   4HBR
#
_cell.length_a   117.638
_cell.length_b   117.638
_cell.length_c   150.125
_cell.angle_alpha   90.000
_cell.angle_beta   90.000
_cell.angle_gamma   120.000
#
_symmetry.space_group_name_H-M   'P 32 2 1'
#
loop_
_entity.id
_entity.type
_entity.pdbx_description
1 polymer 'Putative periplasmic protein'
2 water water
#
_entity_poly.entity_id   1
_entity_poly.type   'polypeptide(L)'
_entity_poly.pdbx_seq_one_letter_code
;GGYAPDSVQIALKK(MSE)YPTAAGIAWSQDKAYYVADFV(MSE)NGFDTRVWFTPDAEWV(MSE)KQTDWETLDEVPAA
VFNAFAASEFSDGVVQNVTWVQFPEWQPIVAIQVGKPN(MSE)Q(MSE)KYQILFTPKGEVLRQQNITNAYNTLGASTFL
;
_entity_poly.pdbx_strand_id   A,B,C,D
#
# COMPACT_ATOMS: atom_id res chain seq x y z
N GLY A 1 9.02 -23.47 -6.74
CA GLY A 1 8.78 -24.79 -7.32
C GLY A 1 7.77 -24.76 -8.45
N GLY A 2 8.03 -25.53 -9.50
CA GLY A 2 7.19 -25.62 -10.69
C GLY A 2 7.70 -24.74 -11.82
N TYR A 3 7.16 -24.95 -13.02
CA TYR A 3 7.59 -24.16 -14.17
C TYR A 3 6.65 -23.01 -14.48
N ALA A 4 7.26 -21.89 -14.88
CA ALA A 4 6.66 -20.67 -15.37
C ALA A 4 7.70 -19.90 -16.18
N PRO A 5 7.33 -19.32 -17.35
CA PRO A 5 8.33 -18.52 -18.11
C PRO A 5 8.85 -17.35 -17.28
N ASP A 6 10.08 -16.90 -17.56
CA ASP A 6 10.74 -15.80 -16.85
C ASP A 6 9.87 -14.54 -16.83
N SER A 7 9.24 -14.21 -17.97
CA SER A 7 8.38 -13.03 -18.11
C SER A 7 7.21 -13.05 -17.13
N VAL A 8 6.63 -14.25 -16.89
CA VAL A 8 5.49 -14.48 -16.01
C VAL A 8 5.96 -14.32 -14.55
N GLN A 9 7.14 -14.87 -14.22
CA GLN A 9 7.72 -14.76 -12.87
C GLN A 9 8.06 -13.29 -12.54
N ILE A 10 8.57 -12.52 -13.54
CA ILE A 10 8.90 -11.09 -13.40
C ILE A 10 7.61 -10.28 -13.17
N ALA A 11 6.54 -10.63 -13.92
CA ALA A 11 5.23 -9.98 -13.79
C ALA A 11 4.62 -10.15 -12.39
N LEU A 12 4.75 -11.37 -11.78
CA LEU A 12 4.23 -11.62 -10.44
C LEU A 12 5.05 -10.84 -9.39
N LYS A 13 6.38 -10.78 -9.55
CA LYS A 13 7.29 -10.06 -8.68
C LYS A 13 6.93 -8.56 -8.63
N LYS A 14 6.55 -7.98 -9.78
CA LYS A 14 6.13 -6.58 -9.91
C LYS A 14 4.85 -6.31 -9.07
N TYR A 16 3.59 -8.50 -6.50
CA TYR A 16 3.81 -8.94 -5.12
C TYR A 16 5.30 -9.12 -4.85
N PRO A 17 6.03 -8.01 -4.60
CA PRO A 17 7.48 -8.13 -4.35
C PRO A 17 7.85 -8.96 -3.11
N THR A 18 6.96 -9.03 -2.11
CA THR A 18 7.23 -9.75 -0.86
C THR A 18 6.85 -11.23 -0.95
N ALA A 19 6.22 -11.68 -2.06
CA ALA A 19 5.80 -13.07 -2.26
C ALA A 19 6.99 -14.00 -2.24
N ALA A 20 6.91 -15.02 -1.39
CA ALA A 20 7.96 -16.03 -1.21
C ALA A 20 7.37 -17.42 -1.18
N GLY A 21 8.19 -18.41 -1.53
CA GLY A 21 7.81 -19.82 -1.59
C GLY A 21 6.68 -20.05 -2.58
N ILE A 22 6.83 -19.46 -3.76
CA ILE A 22 5.84 -19.51 -4.82
C ILE A 22 5.89 -20.90 -5.49
N ALA A 23 4.72 -21.53 -5.63
CA ALA A 23 4.54 -22.81 -6.31
C ALA A 23 3.79 -22.54 -7.61
N TRP A 24 4.42 -22.87 -8.74
CA TRP A 24 3.85 -22.67 -10.07
C TRP A 24 3.26 -23.96 -10.61
N SER A 25 2.10 -23.83 -11.26
CA SER A 25 1.37 -24.92 -11.89
C SER A 25 0.63 -24.41 -13.12
N GLN A 26 0.08 -25.32 -13.93
CA GLN A 26 -0.67 -24.95 -15.11
C GLN A 26 -2.15 -25.28 -14.91
N ASP A 27 -3.01 -24.41 -15.41
CA ASP A 27 -4.47 -24.59 -15.37
C ASP A 27 -4.97 -24.17 -16.73
N LYS A 28 -5.22 -25.16 -17.61
CA LYS A 28 -5.64 -24.99 -19.01
C LYS A 28 -4.48 -24.23 -19.73
N ALA A 29 -4.72 -23.06 -20.36
CA ALA A 29 -3.58 -22.35 -20.99
C ALA A 29 -2.97 -21.29 -20.03
N TYR A 30 -3.32 -21.35 -18.74
CA TYR A 30 -2.78 -20.40 -17.78
C TYR A 30 -1.71 -20.97 -16.87
N TYR A 31 -0.78 -20.10 -16.44
CA TYR A 31 0.23 -20.37 -15.40
C TYR A 31 -0.33 -19.84 -14.10
N VAL A 32 -0.29 -20.64 -13.02
CA VAL A 32 -0.86 -20.23 -11.73
C VAL A 32 0.22 -20.18 -10.66
N ALA A 33 0.33 -19.00 -10.01
CA ALA A 33 1.23 -18.77 -8.89
C ALA A 33 0.44 -18.97 -7.63
N ASP A 34 0.95 -19.79 -6.73
CA ASP A 34 0.34 -20.13 -5.44
C ASP A 34 1.33 -19.76 -4.32
N PHE A 35 0.92 -18.86 -3.39
CA PHE A 35 1.74 -18.35 -2.27
C PHE A 35 0.85 -17.78 -1.16
N VAL A 36 1.45 -17.43 -0.02
CA VAL A 36 0.76 -16.83 1.13
C VAL A 36 1.07 -15.32 1.14
N ASN A 38 -0.21 -11.86 3.32
CA ASN A 38 -0.91 -11.28 4.48
C ASN A 38 -1.69 -12.36 5.30
N GLY A 39 -1.12 -13.57 5.39
CA GLY A 39 -1.75 -14.70 6.07
C GLY A 39 -2.80 -15.44 5.26
N PHE A 40 -3.06 -15.01 4.01
CA PHE A 40 -4.05 -15.67 3.18
C PHE A 40 -3.43 -16.39 2.01
N ASP A 41 -3.93 -17.60 1.71
CA ASP A 41 -3.55 -18.36 0.52
C ASP A 41 -4.00 -17.58 -0.69
N THR A 42 -3.07 -17.28 -1.59
CA THR A 42 -3.30 -16.46 -2.77
C THR A 42 -2.88 -17.21 -4.03
N ARG A 43 -3.68 -17.10 -5.09
CA ARG A 43 -3.40 -17.68 -6.39
C ARG A 43 -3.59 -16.61 -7.44
N VAL A 44 -2.67 -16.54 -8.43
CA VAL A 44 -2.71 -15.55 -9.51
C VAL A 44 -2.54 -16.29 -10.83
N TRP A 45 -3.48 -16.11 -11.79
CA TRP A 45 -3.47 -16.73 -13.13
C TRP A 45 -2.85 -15.79 -14.13
N PHE A 46 -2.01 -16.32 -15.01
CA PHE A 46 -1.32 -15.57 -16.05
C PHE A 46 -1.44 -16.23 -17.39
N THR A 47 -1.54 -15.43 -18.47
CA THR A 47 -1.46 -15.93 -19.84
C THR A 47 0.03 -16.20 -20.12
N PRO A 48 0.41 -17.00 -21.14
CA PRO A 48 1.85 -17.18 -21.41
C PRO A 48 2.59 -15.87 -21.77
N ASP A 49 1.82 -14.80 -22.13
CA ASP A 49 2.35 -13.47 -22.47
C ASP A 49 2.49 -12.57 -21.22
N ALA A 50 2.46 -13.18 -20.01
CA ALA A 50 2.64 -12.55 -18.68
C ALA A 50 1.54 -11.52 -18.32
N GLU A 51 0.31 -11.73 -18.81
CA GLU A 51 -0.83 -10.87 -18.47
C GLU A 51 -1.62 -11.55 -17.37
N TRP A 52 -1.81 -10.89 -16.22
CA TRP A 52 -2.60 -11.51 -15.14
C TRP A 52 -4.09 -11.40 -15.52
N VAL A 53 -4.86 -12.48 -15.29
CA VAL A 53 -6.27 -12.55 -15.69
C VAL A 53 -7.19 -12.82 -14.50
N LYS A 55 -7.11 -13.26 -9.85
CA LYS A 55 -6.53 -13.34 -8.51
C LYS A 55 -7.54 -14.01 -7.60
N GLN A 56 -7.08 -14.84 -6.65
CA GLN A 56 -7.94 -15.45 -5.64
C GLN A 56 -7.28 -15.35 -4.29
N THR A 57 -8.05 -14.90 -3.27
CA THR A 57 -7.63 -14.75 -1.87
C THR A 57 -8.53 -15.63 -1.02
N ASP A 58 -7.96 -16.67 -0.36
CA ASP A 58 -8.76 -17.53 0.49
C ASP A 58 -8.91 -16.89 1.85
N TRP A 59 -10.00 -16.16 2.02
CA TRP A 59 -10.40 -15.50 3.25
C TRP A 59 -10.76 -16.55 4.30
N GLU A 60 -11.30 -17.72 3.85
CA GLU A 60 -11.68 -18.92 4.61
C GLU A 60 -12.94 -18.75 5.48
N THR A 61 -13.12 -17.60 6.13
CA THR A 61 -14.23 -17.34 7.03
C THR A 61 -15.14 -16.21 6.52
N LEU A 62 -16.42 -16.24 6.90
CA LEU A 62 -17.43 -15.26 6.51
C LEU A 62 -17.25 -13.89 7.15
N ASP A 63 -16.39 -13.76 8.16
CA ASP A 63 -16.15 -12.46 8.80
C ASP A 63 -15.33 -11.52 7.87
N GLU A 64 -14.87 -12.00 6.71
CA GLU A 64 -14.15 -11.17 5.75
C GLU A 64 -15.03 -10.63 4.61
N VAL A 65 -16.20 -11.21 4.39
CA VAL A 65 -17.04 -10.90 3.24
C VAL A 65 -17.81 -9.57 3.41
N PRO A 66 -18.18 -8.92 2.27
CA PRO A 66 -19.07 -7.75 2.35
C PRO A 66 -20.36 -8.09 3.11
N ALA A 67 -20.94 -7.18 3.87
CA ALA A 67 -22.13 -7.43 4.69
C ALA A 67 -23.33 -7.93 3.83
N ALA A 68 -23.48 -7.43 2.59
CA ALA A 68 -24.56 -7.85 1.70
C ALA A 68 -24.45 -9.35 1.38
N VAL A 69 -23.22 -9.89 1.24
CA VAL A 69 -22.95 -11.32 0.96
C VAL A 69 -23.23 -12.12 2.24
N PHE A 70 -22.74 -11.65 3.40
CA PHE A 70 -22.93 -12.26 4.70
C PHE A 70 -24.42 -12.46 4.99
N ASN A 71 -25.23 -11.39 4.79
CA ASN A 71 -26.67 -11.41 5.02
C ASN A 71 -27.39 -12.33 4.02
N ALA A 72 -26.97 -12.34 2.73
CA ALA A 72 -27.58 -13.24 1.71
C ALA A 72 -27.28 -14.68 2.08
N PHE A 73 -26.03 -14.99 2.48
CA PHE A 73 -25.67 -16.34 2.91
C PHE A 73 -26.48 -16.76 4.16
N ALA A 74 -26.58 -15.85 5.16
CA ALA A 74 -27.33 -16.10 6.41
C ALA A 74 -28.83 -16.35 6.17
N ALA A 75 -29.39 -15.79 5.09
CA ALA A 75 -30.80 -15.95 4.73
C ALA A 75 -31.03 -17.12 3.76
N SER A 76 -29.95 -17.70 3.19
CA SER A 76 -30.01 -18.80 2.23
C SER A 76 -30.30 -20.15 2.90
N GLU A 77 -30.52 -21.19 2.08
CA GLU A 77 -30.78 -22.56 2.52
C GLU A 77 -29.48 -23.24 3.01
N PHE A 78 -28.32 -22.55 2.90
CA PHE A 78 -27.02 -23.07 3.30
C PHE A 78 -26.52 -22.48 4.62
N SER A 79 -27.30 -21.55 5.22
CA SER A 79 -26.96 -20.83 6.46
C SER A 79 -26.55 -21.75 7.61
N ASP A 80 -27.18 -22.94 7.70
CA ASP A 80 -26.95 -23.95 8.75
C ASP A 80 -25.78 -24.91 8.40
N GLY A 81 -25.24 -24.81 7.19
CA GLY A 81 -24.14 -25.66 6.74
C GLY A 81 -22.79 -25.32 7.32
N VAL A 82 -21.79 -26.18 7.04
CA VAL A 82 -20.40 -26.00 7.50
C VAL A 82 -19.61 -25.28 6.41
N VAL A 83 -19.15 -24.04 6.68
CA VAL A 83 -18.37 -23.26 5.72
C VAL A 83 -16.97 -23.89 5.60
N GLN A 84 -16.60 -24.31 4.39
CA GLN A 84 -15.32 -24.97 4.11
C GLN A 84 -14.28 -24.00 3.56
N ASN A 85 -14.72 -22.98 2.82
CA ASN A 85 -13.83 -22.00 2.22
C ASN A 85 -14.61 -20.77 1.78
N VAL A 86 -13.92 -19.62 1.75
CA VAL A 86 -14.42 -18.32 1.32
C VAL A 86 -13.32 -17.71 0.50
N THR A 87 -13.60 -17.41 -0.76
CA THR A 87 -12.61 -16.88 -1.69
C THR A 87 -13.05 -15.54 -2.29
N TRP A 88 -12.14 -14.56 -2.31
CA TRP A 88 -12.38 -13.27 -2.99
C TRP A 88 -11.69 -13.39 -4.32
N VAL A 89 -12.50 -13.35 -5.39
CA VAL A 89 -12.04 -13.57 -6.75
C VAL A 89 -12.01 -12.25 -7.45
N GLN A 90 -10.84 -11.90 -8.02
CA GLN A 90 -10.68 -10.62 -8.70
C GLN A 90 -10.17 -10.78 -10.10
N PHE A 91 -10.41 -9.73 -10.90
CA PHE A 91 -10.07 -9.70 -12.31
C PHE A 91 -9.58 -8.33 -12.74
N PRO A 92 -8.79 -8.21 -13.83
CA PRO A 92 -8.32 -6.88 -14.23
C PRO A 92 -9.46 -5.90 -14.62
N GLU A 93 -10.48 -6.39 -15.31
CA GLU A 93 -11.55 -5.54 -15.84
C GLU A 93 -12.95 -5.78 -15.28
N TRP A 94 -13.21 -6.99 -14.73
CA TRP A 94 -14.54 -7.40 -14.26
C TRP A 94 -14.67 -7.16 -12.74
N GLN A 95 -15.90 -7.11 -12.26
CA GLN A 95 -16.28 -6.97 -10.87
C GLN A 95 -15.77 -8.19 -10.05
N PRO A 96 -15.38 -7.98 -8.76
CA PRO A 96 -14.98 -9.13 -7.93
C PRO A 96 -16.16 -10.04 -7.56
N ILE A 97 -15.83 -11.29 -7.19
CA ILE A 97 -16.82 -12.30 -6.82
C ILE A 97 -16.47 -12.91 -5.44
N VAL A 98 -17.47 -13.20 -4.62
CA VAL A 98 -17.25 -13.94 -3.39
C VAL A 98 -17.69 -15.40 -3.67
N ALA A 99 -16.78 -16.38 -3.58
CA ALA A 99 -17.10 -17.81 -3.75
C ALA A 99 -17.11 -18.48 -2.36
N ILE A 100 -18.25 -19.05 -1.96
CA ILE A 100 -18.39 -19.72 -0.67
C ILE A 100 -18.62 -21.20 -0.91
N GLN A 101 -17.82 -22.06 -0.26
CA GLN A 101 -17.95 -23.51 -0.32
C GLN A 101 -18.52 -23.96 1.01
N VAL A 102 -19.67 -24.61 0.98
CA VAL A 102 -20.36 -24.98 2.22
C VAL A 102 -20.82 -26.42 2.12
N GLY A 103 -20.58 -27.18 3.17
CA GLY A 103 -20.99 -28.57 3.22
C GLY A 103 -22.27 -28.75 4.01
N LYS A 104 -23.10 -29.71 3.59
CA LYS A 104 -24.33 -30.10 4.30
C LYS A 104 -24.07 -31.55 4.74
N PRO A 105 -23.35 -31.75 5.87
CA PRO A 105 -22.94 -33.12 6.27
C PRO A 105 -24.07 -34.11 6.48
N ASN A 106 -25.27 -33.65 6.91
CA ASN A 106 -26.42 -34.53 7.15
C ASN A 106 -27.03 -34.99 5.82
N GLN A 108 -25.05 -35.07 3.09
CA GLN A 108 -23.83 -35.64 2.49
C GLN A 108 -23.59 -35.01 1.10
N LYS A 110 -21.90 -31.20 -0.85
CA LYS A 110 -21.07 -30.00 -0.79
C LYS A 110 -21.50 -29.05 -1.89
N TYR A 111 -21.61 -27.75 -1.56
CA TYR A 111 -22.07 -26.74 -2.49
C TYR A 111 -21.09 -25.59 -2.61
N GLN A 112 -21.13 -24.92 -3.76
CA GLN A 112 -20.34 -23.72 -4.06
C GLN A 112 -21.29 -22.64 -4.57
N ILE A 113 -21.33 -21.51 -3.87
CA ILE A 113 -22.20 -20.41 -4.25
C ILE A 113 -21.32 -19.23 -4.59
N LEU A 114 -21.56 -18.65 -5.80
CA LEU A 114 -20.85 -17.44 -6.27
C LEU A 114 -21.76 -16.24 -6.11
N PHE A 115 -21.26 -15.22 -5.43
CA PHE A 115 -22.00 -14.01 -5.14
C PHE A 115 -21.35 -12.77 -5.70
N THR A 116 -22.17 -11.80 -6.09
CA THR A 116 -21.64 -10.48 -6.40
C THR A 116 -21.39 -9.79 -5.03
N PRO A 117 -20.59 -8.70 -4.92
CA PRO A 117 -20.47 -8.00 -3.62
C PRO A 117 -21.82 -7.48 -3.07
N LYS A 118 -22.85 -7.33 -3.91
CA LYS A 118 -24.18 -6.87 -3.47
C LYS A 118 -25.07 -8.02 -2.92
N GLY A 119 -24.54 -9.25 -2.92
CA GLY A 119 -25.26 -10.40 -2.41
C GLY A 119 -26.12 -11.16 -3.40
N GLU A 120 -26.02 -10.84 -4.71
CA GLU A 120 -26.77 -11.49 -5.78
C GLU A 120 -26.10 -12.83 -6.09
N VAL A 121 -26.90 -13.90 -6.22
CA VAL A 121 -26.37 -15.23 -6.52
C VAL A 121 -26.11 -15.33 -8.04
N LEU A 122 -24.87 -15.59 -8.43
CA LEU A 122 -24.48 -15.78 -9.82
C LEU A 122 -24.60 -17.25 -10.24
N ARG A 123 -24.36 -18.15 -9.29
CA ARG A 123 -24.33 -19.61 -9.47
C ARG A 123 -24.37 -20.34 -8.14
N GLN A 124 -25.16 -21.40 -8.09
CA GLN A 124 -25.28 -22.37 -7.01
C GLN A 124 -24.91 -23.70 -7.65
N GLN A 125 -23.73 -24.23 -7.32
CA GLN A 125 -23.16 -25.46 -7.89
C GLN A 125 -23.11 -26.55 -6.83
N ASN A 126 -23.45 -27.77 -7.20
CA ASN A 126 -23.29 -28.93 -6.35
C ASN A 126 -21.91 -29.47 -6.69
N ILE A 127 -20.95 -29.31 -5.76
CA ILE A 127 -19.55 -29.69 -5.96
C ILE A 127 -19.20 -30.99 -5.20
N THR A 128 -20.22 -31.80 -4.83
CA THR A 128 -19.99 -33.09 -4.18
C THR A 128 -19.21 -33.95 -5.17
N ASN A 129 -18.03 -34.46 -4.75
CA ASN A 129 -17.15 -35.35 -5.55
C ASN A 129 -16.56 -34.62 -6.79
N ALA A 130 -16.49 -33.28 -6.78
CA ALA A 130 -15.94 -32.50 -7.89
C ALA A 130 -14.59 -31.93 -7.47
N TYR A 131 -13.68 -31.69 -8.44
CA TYR A 131 -12.36 -31.12 -8.09
C TYR A 131 -12.15 -29.82 -8.86
N ASN A 132 -11.11 -29.06 -8.48
CA ASN A 132 -10.72 -27.76 -9.06
C ASN A 132 -11.95 -26.92 -9.43
N THR A 133 -12.83 -26.69 -8.44
CA THR A 133 -14.11 -26.00 -8.64
C THR A 133 -13.94 -24.46 -8.69
N LEU A 134 -12.74 -23.95 -8.42
CA LEU A 134 -12.45 -22.52 -8.47
C LEU A 134 -11.42 -22.15 -9.55
N GLY A 135 -11.14 -23.07 -10.48
CA GLY A 135 -10.14 -22.86 -11.52
C GLY A 135 -10.63 -22.06 -12.70
N ALA A 136 -9.78 -21.99 -13.74
CA ALA A 136 -10.05 -21.28 -15.01
C ALA A 136 -11.39 -21.69 -15.64
N SER A 137 -11.77 -22.98 -15.57
CA SER A 137 -13.01 -23.45 -16.19
C SER A 137 -14.30 -22.84 -15.52
N THR A 138 -14.23 -22.39 -14.27
CA THR A 138 -15.36 -21.77 -13.58
C THR A 138 -15.45 -20.26 -13.89
N PHE A 139 -14.30 -19.58 -14.05
CA PHE A 139 -14.30 -18.12 -14.19
C PHE A 139 -13.74 -17.56 -15.49
N LEU A 140 -12.90 -18.31 -16.22
CA LEU A 140 -12.20 -17.80 -17.42
C LEU A 140 -12.54 -18.56 -18.71
N GLY B 1 11.61 33.54 6.28
CA GLY B 1 10.88 34.23 5.22
C GLY B 1 9.57 33.56 4.88
N GLY B 2 8.51 34.36 4.69
CA GLY B 2 7.17 33.91 4.38
C GLY B 2 6.27 33.91 5.60
N TYR B 3 4.96 33.73 5.40
CA TYR B 3 4.04 33.72 6.53
C TYR B 3 3.63 32.31 6.97
N ALA B 4 3.49 32.15 8.29
CA ALA B 4 2.93 31.00 9.01
C ALA B 4 2.52 31.50 10.39
N PRO B 5 1.39 31.00 10.94
CA PRO B 5 0.98 31.43 12.30
C PRO B 5 2.04 31.07 13.33
N ASP B 6 2.11 31.84 14.42
CA ASP B 6 3.08 31.65 15.49
C ASP B 6 3.09 30.22 16.02
N SER B 7 1.90 29.62 16.21
CA SER B 7 1.71 28.26 16.71
C SER B 7 2.38 27.23 15.81
N VAL B 8 2.31 27.44 14.48
CA VAL B 8 2.87 26.55 13.44
C VAL B 8 4.41 26.67 13.48
N GLN B 9 4.93 27.91 13.58
CA GLN B 9 6.36 28.18 13.67
C GLN B 9 6.97 27.58 14.95
N ILE B 10 6.23 27.65 16.07
CA ILE B 10 6.64 27.08 17.37
C ILE B 10 6.68 25.54 17.25
N ALA B 11 5.65 24.94 16.60
CA ALA B 11 5.54 23.49 16.39
C ALA B 11 6.73 22.94 15.60
N LEU B 12 7.16 23.63 14.54
CA LEU B 12 8.31 23.20 13.73
C LEU B 12 9.62 23.34 14.52
N LYS B 13 9.77 24.43 15.26
CA LYS B 13 10.95 24.71 16.08
C LYS B 13 11.14 23.64 17.16
N LYS B 14 10.02 23.14 17.75
CA LYS B 14 10.02 22.07 18.76
C LYS B 14 10.54 20.75 18.13
N TYR B 16 12.42 20.53 15.08
CA TYR B 16 13.75 20.77 14.53
C TYR B 16 14.33 22.07 15.07
N PRO B 17 14.88 22.06 16.31
CA PRO B 17 15.47 23.28 16.89
C PRO B 17 16.66 23.85 16.12
N THR B 18 17.39 22.98 15.39
CA THR B 18 18.58 23.42 14.64
C THR B 18 18.23 23.94 13.23
N ALA B 19 16.93 23.88 12.82
CA ALA B 19 16.48 24.35 11.51
C ALA B 19 16.69 25.85 11.39
N ALA B 20 17.37 26.26 10.31
CA ALA B 20 17.71 27.64 10.05
C ALA B 20 17.38 28.01 8.62
N GLY B 21 17.09 29.28 8.40
CA GLY B 21 16.74 29.83 7.10
C GLY B 21 15.50 29.17 6.53
N ILE B 22 14.45 29.05 7.37
CA ILE B 22 13.19 28.41 7.03
C ILE B 22 12.40 29.37 6.13
N ALA B 23 11.91 28.85 5.01
CA ALA B 23 11.08 29.56 4.07
C ALA B 23 9.67 28.97 4.15
N TRP B 24 8.69 29.83 4.50
CA TRP B 24 7.30 29.42 4.64
C TRP B 24 6.51 29.81 3.42
N SER B 25 5.61 28.91 3.02
CA SER B 25 4.70 29.10 1.91
C SER B 25 3.39 28.38 2.19
N GLN B 26 2.37 28.65 1.38
CA GLN B 26 1.09 27.99 1.50
C GLN B 26 0.89 27.04 0.33
N ASP B 27 0.37 25.85 0.65
CA ASP B 27 0.09 24.80 -0.29
C ASP B 27 -1.30 24.30 0.05
N LYS B 28 -2.30 24.81 -0.68
CA LYS B 28 -3.72 24.54 -0.50
C LYS B 28 -4.10 24.98 0.93
N ALA B 29 -4.60 24.07 1.76
CA ALA B 29 -5.03 24.31 3.14
C ALA B 29 -3.87 24.22 4.13
N TYR B 30 -2.63 24.04 3.65
CA TYR B 30 -1.46 23.82 4.50
C TYR B 30 -0.38 24.89 4.44
N TYR B 31 0.36 25.03 5.55
CA TYR B 31 1.55 25.86 5.67
C TYR B 31 2.72 24.92 5.47
N VAL B 32 3.67 25.26 4.55
CA VAL B 32 4.84 24.41 4.27
C VAL B 32 6.12 25.09 4.71
N ALA B 33 6.88 24.40 5.54
CA ALA B 33 8.20 24.84 5.98
C ALA B 33 9.24 24.17 5.09
N ASP B 34 10.10 24.97 4.49
CA ASP B 34 11.17 24.51 3.60
C ASP B 34 12.53 24.93 4.20
N PHE B 35 13.43 23.97 4.46
CA PHE B 35 14.77 24.18 5.06
C PHE B 35 15.69 23.00 4.76
N VAL B 36 16.98 23.15 5.10
CA VAL B 36 18.01 22.12 4.94
C VAL B 36 18.27 21.51 6.33
N ASN B 38 20.52 18.34 8.00
CA ASN B 38 21.63 17.41 7.89
CA ASN B 38 21.59 17.32 7.84
C ASN B 38 21.93 17.11 6.35
N GLY B 39 22.05 18.22 5.61
CA GLY B 39 22.39 18.23 4.19
C GLY B 39 21.29 17.91 3.22
N PHE B 40 20.07 17.63 3.73
CA PHE B 40 18.95 17.30 2.86
C PHE B 40 17.92 18.38 2.84
N ASP B 41 17.39 18.69 1.64
CA ASP B 41 16.25 19.60 1.50
C ASP B 41 15.04 18.92 2.14
N THR B 42 14.43 19.61 3.12
CA THR B 42 13.33 19.10 3.92
C THR B 42 12.15 20.03 3.84
N ARG B 43 10.95 19.46 3.72
CA ARG B 43 9.68 20.19 3.70
C ARG B 43 8.74 19.55 4.68
N VAL B 44 8.00 20.35 5.46
CA VAL B 44 7.05 19.88 6.47
C VAL B 44 5.73 20.64 6.28
N TRP B 45 4.60 19.91 6.12
CA TRP B 45 3.26 20.45 5.95
C TRP B 45 2.53 20.49 7.28
N PHE B 46 1.82 21.59 7.54
CA PHE B 46 1.07 21.81 8.75
C PHE B 46 -0.34 22.27 8.47
N THR B 47 -1.29 21.83 9.31
CA THR B 47 -2.64 22.37 9.30
C THR B 47 -2.59 23.74 10.00
N PRO B 48 -3.59 24.64 9.83
CA PRO B 48 -3.52 25.93 10.56
C PRO B 48 -3.52 25.76 12.10
N ASP B 49 -3.92 24.57 12.61
CA ASP B 49 -3.93 24.22 14.04
C ASP B 49 -2.59 23.63 14.53
N ALA B 50 -1.51 23.84 13.74
CA ALA B 50 -0.12 23.44 14.01
C ALA B 50 0.10 21.92 14.11
N GLU B 51 -0.71 21.12 13.39
CA GLU B 51 -0.58 19.67 13.33
CA GLU B 51 -0.50 19.68 13.37
C GLU B 51 0.23 19.31 12.07
N TRP B 52 1.36 18.62 12.21
CA TRP B 52 2.14 18.23 11.02
C TRP B 52 1.43 17.05 10.37
N VAL B 53 1.31 17.07 9.03
CA VAL B 53 0.56 16.05 8.26
C VAL B 53 1.46 15.34 7.23
N LYS B 55 5.94 15.08 5.91
CA LYS B 55 7.36 15.44 5.90
C LYS B 55 7.94 14.89 4.62
N GLN B 56 8.84 15.64 3.97
CA GLN B 56 9.54 15.16 2.78
C GLN B 56 11.02 15.47 2.93
N THR B 57 11.86 14.50 2.61
CA THR B 57 13.31 14.65 2.62
C THR B 57 13.79 14.26 1.23
N ASP B 58 14.53 15.16 0.58
CA ASP B 58 15.06 14.88 -0.75
C ASP B 58 16.40 14.18 -0.63
N TRP B 59 16.40 12.84 -0.80
CA TRP B 59 17.58 11.97 -0.80
C TRP B 59 18.33 12.12 -2.12
N GLU B 60 17.61 12.52 -3.17
CA GLU B 60 18.10 12.83 -4.53
C GLU B 60 18.65 11.61 -5.35
N THR B 61 19.36 10.61 -4.69
CA THR B 61 19.95 9.42 -5.34
CA THR B 61 19.93 9.42 -5.34
C THR B 61 19.26 8.12 -4.86
N LEU B 62 19.19 7.12 -5.75
CA LEU B 62 18.62 5.79 -5.51
C LEU B 62 19.44 4.94 -4.55
N ASP B 63 20.71 5.33 -4.31
CA ASP B 63 21.59 4.55 -3.43
C ASP B 63 21.13 4.63 -1.95
N GLU B 64 20.17 5.52 -1.64
CA GLU B 64 19.66 5.67 -0.28
C GLU B 64 18.34 4.94 -0.01
N VAL B 65 17.62 4.53 -1.05
CA VAL B 65 16.30 3.89 -0.85
C VAL B 65 16.44 2.42 -0.49
N PRO B 66 15.44 1.80 0.20
CA PRO B 66 15.50 0.34 0.42
C PRO B 66 15.72 -0.44 -0.89
N ALA B 67 16.40 -1.59 -0.80
CA ALA B 67 16.73 -2.41 -1.96
C ALA B 67 15.48 -2.84 -2.76
N ALA B 68 14.32 -3.04 -2.08
CA ALA B 68 13.09 -3.43 -2.76
C ALA B 68 12.66 -2.35 -3.75
N VAL B 69 12.83 -1.04 -3.41
CA VAL B 69 12.47 0.09 -4.28
C VAL B 69 13.50 0.18 -5.43
N PHE B 70 14.79 0.06 -5.09
CA PHE B 70 15.90 0.07 -6.06
C PHE B 70 15.67 -0.97 -7.16
N ASN B 71 15.38 -2.22 -6.76
CA ASN B 71 15.14 -3.35 -7.66
C ASN B 71 13.88 -3.17 -8.49
N ALA B 72 12.81 -2.63 -7.89
CA ALA B 72 11.56 -2.40 -8.63
C ALA B 72 11.78 -1.31 -9.67
N PHE B 73 12.52 -0.23 -9.32
CA PHE B 73 12.84 0.82 -10.28
C PHE B 73 13.72 0.27 -11.42
N ALA B 74 14.74 -0.55 -11.09
CA ALA B 74 15.64 -1.17 -12.06
C ALA B 74 14.88 -2.12 -13.04
N ALA B 75 13.75 -2.69 -12.61
CA ALA B 75 12.93 -3.58 -13.43
C ALA B 75 11.80 -2.83 -14.16
N SER B 76 11.53 -1.56 -13.79
CA SER B 76 10.46 -0.74 -14.40
C SER B 76 10.87 -0.23 -15.81
N GLU B 77 9.95 0.51 -16.47
CA GLU B 77 10.18 1.05 -17.82
C GLU B 77 10.99 2.36 -17.81
N PHE B 78 11.36 2.85 -16.59
CA PHE B 78 12.11 4.08 -16.39
C PHE B 78 13.54 3.81 -15.93
N SER B 79 13.94 2.53 -15.86
CA SER B 79 15.28 2.10 -15.45
C SER B 79 16.41 2.77 -16.23
N ASP B 80 16.18 3.05 -17.51
CA ASP B 80 17.14 3.68 -18.42
C ASP B 80 17.10 5.23 -18.37
N GLY B 81 16.11 5.78 -17.67
CA GLY B 81 15.93 7.22 -17.56
C GLY B 81 16.92 7.93 -16.64
N VAL B 82 16.89 9.28 -16.67
CA VAL B 82 17.75 10.14 -15.84
C VAL B 82 16.99 10.49 -14.55
N VAL B 83 17.48 10.00 -13.40
CA VAL B 83 16.85 10.27 -12.10
C VAL B 83 17.10 11.74 -11.73
N GLN B 84 16.01 12.50 -11.55
CA GLN B 84 16.04 13.94 -11.24
C GLN B 84 15.92 14.20 -9.74
N ASN B 85 15.17 13.34 -9.03
CA ASN B 85 14.93 13.49 -7.60
C ASN B 85 14.41 12.19 -6.99
N VAL B 86 14.72 11.99 -5.70
CA VAL B 86 14.29 10.87 -4.87
C VAL B 86 13.87 11.46 -3.55
N THR B 87 12.61 11.25 -3.17
CA THR B 87 12.03 11.81 -1.96
C THR B 87 11.47 10.72 -1.05
N TRP B 88 11.82 10.80 0.23
CA TRP B 88 11.28 9.95 1.29
C TRP B 88 10.10 10.74 1.90
N VAL B 89 8.88 10.24 1.68
CA VAL B 89 7.63 10.90 2.12
C VAL B 89 7.11 10.23 3.39
N GLN B 90 7.01 10.99 4.48
CA GLN B 90 6.57 10.50 5.78
C GLN B 90 5.32 11.17 6.22
N PHE B 91 4.50 10.43 6.96
CA PHE B 91 3.22 10.90 7.48
C PHE B 91 3.09 10.52 8.95
N PRO B 92 2.27 11.22 9.76
CA PRO B 92 2.12 10.81 11.17
C PRO B 92 1.51 9.40 11.35
N GLU B 93 0.56 8.97 10.45
CA GLU B 93 -0.10 7.67 10.56
C GLU B 93 0.06 6.77 9.34
N TRP B 94 0.05 7.34 8.15
CA TRP B 94 0.08 6.52 6.96
C TRP B 94 1.47 5.96 6.66
N GLN B 95 1.51 4.88 5.85
CA GLN B 95 2.76 4.23 5.43
C GLN B 95 3.63 5.20 4.62
N PRO B 96 4.99 5.21 4.81
CA PRO B 96 5.82 6.13 3.99
C PRO B 96 5.84 5.75 2.51
N ILE B 97 6.20 6.71 1.65
CA ILE B 97 6.25 6.55 0.20
C ILE B 97 7.62 7.03 -0.34
N VAL B 98 8.14 6.32 -1.37
CA VAL B 98 9.33 6.75 -2.10
C VAL B 98 8.83 7.36 -3.41
N ALA B 99 9.07 8.66 -3.62
CA ALA B 99 8.69 9.34 -4.86
C ALA B 99 9.97 9.56 -5.70
N ILE B 100 9.99 8.99 -6.93
CA ILE B 100 11.12 9.09 -7.83
C ILE B 100 10.68 9.90 -9.06
N GLN B 101 11.43 10.95 -9.39
CA GLN B 101 11.21 11.77 -10.59
C GLN B 101 12.28 11.41 -11.58
N VAL B 102 11.88 10.94 -12.76
CA VAL B 102 12.84 10.49 -13.74
C VAL B 102 12.47 11.06 -15.12
N GLY B 103 13.48 11.55 -15.82
CA GLY B 103 13.30 12.11 -17.14
C GLY B 103 13.67 11.11 -18.22
N LYS B 104 12.93 11.13 -19.32
CA LYS B 104 13.20 10.32 -20.50
C LYS B 104 13.57 11.32 -21.60
N PRO B 105 14.85 11.78 -21.64
CA PRO B 105 15.23 12.84 -22.59
C PRO B 105 15.01 12.52 -24.06
N ASN B 106 15.09 11.24 -24.46
CA ASN B 106 14.89 10.81 -25.85
C ASN B 106 13.41 10.87 -26.23
N GLN B 108 11.41 13.00 -24.54
CA GLN B 108 11.16 14.41 -24.16
C GLN B 108 9.96 14.48 -23.18
N LYS B 110 8.90 13.75 -18.73
CA LYS B 110 9.31 13.61 -17.34
C LYS B 110 8.21 12.84 -16.58
N TYR B 111 8.61 11.88 -15.76
CA TYR B 111 7.69 11.04 -15.00
C TYR B 111 7.96 11.06 -13.52
N GLN B 112 6.93 10.75 -12.74
CA GLN B 112 6.98 10.62 -11.30
C GLN B 112 6.37 9.28 -10.90
N ILE B 113 7.14 8.43 -10.22
CA ILE B 113 6.68 7.11 -9.77
C ILE B 113 6.69 7.07 -8.26
N LEU B 114 5.56 6.64 -7.67
CA LEU B 114 5.36 6.49 -6.23
C LEU B 114 5.41 5.02 -5.88
N PHE B 115 6.28 4.67 -4.94
CA PHE B 115 6.49 3.30 -4.49
C PHE B 115 6.26 3.13 -3.02
N THR B 116 5.79 1.95 -2.63
CA THR B 116 5.75 1.62 -1.21
C THR B 116 7.21 1.25 -0.84
N PRO B 117 7.64 1.25 0.45
CA PRO B 117 9.03 0.82 0.77
C PRO B 117 9.34 -0.64 0.32
N LYS B 118 8.30 -1.47 0.08
CA LYS B 118 8.42 -2.87 -0.36
C LYS B 118 8.56 -2.99 -1.89
N GLY B 119 8.51 -1.86 -2.60
CA GLY B 119 8.70 -1.84 -4.04
C GLY B 119 7.45 -1.96 -4.89
N GLU B 120 6.26 -1.85 -4.29
CA GLU B 120 5.01 -1.90 -5.06
C GLU B 120 4.74 -0.52 -5.69
N VAL B 121 4.32 -0.47 -6.97
CA VAL B 121 3.99 0.79 -7.66
C VAL B 121 2.62 1.24 -7.19
N LEU B 122 2.54 2.45 -6.64
CA LEU B 122 1.26 3.07 -6.21
C LEU B 122 0.68 3.93 -7.31
N ARG B 123 1.54 4.65 -8.03
CA ARG B 123 1.15 5.60 -9.05
C ARG B 123 2.31 5.88 -9.97
N GLN B 124 1.99 6.24 -11.18
CA GLN B 124 2.87 6.60 -12.27
C GLN B 124 2.22 7.82 -12.90
N GLN B 125 2.86 8.98 -12.79
CA GLN B 125 2.36 10.26 -13.31
C GLN B 125 3.28 10.83 -14.37
N ASN B 126 2.70 11.41 -15.41
CA ASN B 126 3.45 12.14 -16.44
C ASN B 126 3.49 13.59 -15.95
N ILE B 127 4.67 14.04 -15.52
CA ILE B 127 4.83 15.37 -14.94
C ILE B 127 5.53 16.35 -15.93
N THR B 128 5.54 16.03 -17.24
CA THR B 128 6.09 16.92 -18.27
C THR B 128 5.29 18.22 -18.23
N ASN B 129 5.99 19.35 -18.04
CA ASN B 129 5.42 20.71 -17.97
C ASN B 129 4.48 20.92 -16.74
N ALA B 130 4.67 20.13 -15.67
CA ALA B 130 3.91 20.24 -14.41
C ALA B 130 4.88 20.72 -13.31
N TYR B 131 4.47 21.37 -12.19
CA TYR B 131 5.64 21.76 -11.36
C TYR B 131 5.62 21.37 -9.86
N ASN B 132 4.58 21.70 -9.07
CA ASN B 132 4.55 21.29 -7.65
C ASN B 132 3.87 19.89 -7.58
N THR B 133 4.54 18.89 -8.18
CA THR B 133 4.03 17.53 -8.34
C THR B 133 4.19 16.69 -7.08
N LEU B 134 4.88 17.23 -6.05
CA LEU B 134 5.10 16.54 -4.78
C LEU B 134 4.35 17.21 -3.64
N GLY B 135 3.47 18.14 -3.95
CA GLY B 135 2.71 18.89 -2.97
C GLY B 135 1.48 18.20 -2.42
N ALA B 136 0.67 18.96 -1.67
CA ALA B 136 -0.55 18.49 -1.03
C ALA B 136 -1.52 17.85 -2.02
N SER B 137 -1.62 18.36 -3.26
CA SER B 137 -2.56 17.83 -4.26
C SER B 137 -2.22 16.39 -4.66
N THR B 138 -0.97 15.94 -4.52
CA THR B 138 -0.57 14.56 -4.83
C THR B 138 -0.79 13.61 -3.65
N PHE B 139 -0.55 14.08 -2.41
CA PHE B 139 -0.56 13.20 -1.24
C PHE B 139 -1.62 13.48 -0.19
N LEU B 140 -2.16 14.71 -0.11
CA LEU B 140 -3.09 15.09 0.96
C LEU B 140 -4.48 15.54 0.42
N GLY C 1 -0.12 -12.96 22.88
CA GLY C 1 -0.49 -12.56 24.23
C GLY C 1 0.25 -11.35 24.77
N GLY C 2 0.11 -11.14 26.07
CA GLY C 2 0.71 -10.02 26.78
C GLY C 2 -0.27 -8.88 27.01
N TYR C 3 0.12 -7.92 27.88
CA TYR C 3 -0.76 -6.79 28.18
C TYR C 3 -0.41 -5.53 27.38
N ALA C 4 -1.47 -4.84 26.95
CA ALA C 4 -1.47 -3.56 26.29
C ALA C 4 -2.84 -2.92 26.47
N PRO C 5 -2.92 -1.59 26.75
CA PRO C 5 -4.25 -0.96 26.88
C PRO C 5 -5.04 -1.07 25.57
N ASP C 6 -6.38 -1.09 25.66
CA ASP C 6 -7.28 -1.21 24.51
C ASP C 6 -6.98 -0.17 23.42
N SER C 7 -6.72 1.10 23.83
CA SER C 7 -6.41 2.20 22.93
C SER C 7 -5.17 1.92 22.07
N VAL C 8 -4.15 1.27 22.67
CA VAL C 8 -2.87 0.94 22.04
C VAL C 8 -3.12 -0.21 21.03
N GLN C 9 -3.93 -1.21 21.42
CA GLN C 9 -4.27 -2.34 20.56
C GLN C 9 -5.08 -1.87 19.34
N ILE C 10 -6.00 -0.89 19.54
CA ILE C 10 -6.84 -0.30 18.47
C ILE C 10 -5.93 0.48 17.50
N ALA C 11 -4.96 1.24 18.04
CA ALA C 11 -4.01 2.01 17.27
C ALA C 11 -3.16 1.11 16.34
N LEU C 12 -2.68 -0.05 16.84
CA LEU C 12 -1.90 -0.98 16.03
C LEU C 12 -2.74 -1.60 14.92
N LYS C 13 -4.01 -1.96 15.24
CA LYS C 13 -4.96 -2.54 14.28
C LYS C 13 -5.20 -1.57 13.10
N LYS C 14 -5.30 -0.27 13.39
CA LYS C 14 -5.48 0.78 12.38
C LYS C 14 -4.26 0.85 11.43
N TYR C 16 -1.80 -1.78 11.07
CA TYR C 16 -1.59 -3.09 10.48
C TYR C 16 -2.83 -3.97 10.68
N PRO C 17 -3.87 -3.78 9.83
CA PRO C 17 -5.09 -4.59 9.98
C PRO C 17 -4.89 -6.10 9.82
N THR C 18 -3.88 -6.51 9.02
CA THR C 18 -3.62 -7.93 8.74
C THR C 18 -2.72 -8.58 9.80
N ALA C 19 -2.18 -7.80 10.76
CA ALA C 19 -1.29 -8.33 11.81
C ALA C 19 -2.03 -9.34 12.68
N ALA C 20 -1.42 -10.53 12.82
CA ALA C 20 -1.97 -11.62 13.61
C ALA C 20 -0.90 -12.22 14.51
N GLY C 21 -1.34 -12.84 15.60
CA GLY C 21 -0.47 -13.46 16.60
C GLY C 21 0.46 -12.46 17.24
N ILE C 22 -0.10 -11.30 17.61
CA ILE C 22 0.63 -10.19 18.22
C ILE C 22 0.97 -10.53 19.67
N ALA C 23 2.25 -10.36 20.01
CA ALA C 23 2.79 -10.54 21.36
C ALA C 23 3.16 -9.16 21.91
N TRP C 24 2.53 -8.78 23.02
CA TRP C 24 2.75 -7.48 23.67
C TRP C 24 3.67 -7.64 24.86
N SER C 25 4.58 -6.67 25.01
CA SER C 25 5.54 -6.58 26.11
C SER C 25 5.82 -5.10 26.42
N GLN C 26 6.51 -4.83 27.51
CA GLN C 26 6.86 -3.46 27.89
C GLN C 26 8.37 -3.26 27.77
N ASP C 27 8.75 -2.09 27.26
CA ASP C 27 10.14 -1.66 27.11
C ASP C 27 10.21 -0.25 27.62
N LYS C 28 10.68 -0.09 28.88
CA LYS C 28 10.75 1.18 29.61
C LYS C 28 9.30 1.71 29.77
N ALA C 29 9.00 2.94 29.30
CA ALA C 29 7.66 3.50 29.38
C ALA C 29 6.76 3.08 28.19
N TYR C 30 7.30 2.26 27.25
CA TYR C 30 6.60 1.89 26.02
C TYR C 30 6.00 0.49 25.99
N TYR C 31 4.90 0.33 25.25
CA TYR C 31 4.25 -0.95 24.93
C TYR C 31 4.78 -1.36 23.57
N VAL C 32 5.27 -2.61 23.44
CA VAL C 32 5.87 -3.10 22.20
C VAL C 32 5.08 -4.26 21.59
N ALA C 33 4.57 -4.04 20.38
CA ALA C 33 3.86 -5.06 19.62
C ALA C 33 4.87 -5.81 18.77
N ASP C 34 4.87 -7.14 18.88
CA ASP C 34 5.77 -8.03 18.14
C ASP C 34 4.91 -8.99 17.29
N PHE C 35 5.11 -9.00 15.96
CA PHE C 35 4.36 -9.82 14.98
C PHE C 35 5.15 -9.96 13.68
N VAL C 36 4.67 -10.81 12.76
CA VAL C 36 5.26 -11.03 11.43
C VAL C 36 4.42 -10.27 10.39
N ASN C 38 4.65 -9.30 6.22
CA ASN C 38 5.28 -9.51 4.91
C ASN C 38 6.52 -10.45 5.02
N GLY C 39 6.46 -11.43 5.91
CA GLY C 39 7.55 -12.37 6.14
C GLY C 39 8.66 -11.86 7.05
N PHE C 40 8.54 -10.61 7.54
CA PHE C 40 9.55 -10.01 8.41
C PHE C 40 9.06 -9.83 9.83
N ASP C 41 9.91 -10.14 10.81
CA ASP C 41 9.65 -9.85 12.23
C ASP C 41 9.56 -8.35 12.38
N THR C 42 8.45 -7.86 12.93
CA THR C 42 8.14 -6.45 13.08
C THR C 42 7.83 -6.13 14.52
N ARG C 43 8.34 -5.01 14.99
CA ARG C 43 8.10 -4.49 16.34
C ARG C 43 7.67 -3.04 16.23
N VAL C 44 6.65 -2.63 17.01
CA VAL C 44 6.13 -1.26 17.01
C VAL C 44 6.03 -0.82 18.46
N TRP C 45 6.64 0.34 18.79
CA TRP C 45 6.65 0.93 20.14
C TRP C 45 5.54 1.98 20.23
N PHE C 46 4.82 1.97 21.35
CA PHE C 46 3.73 2.89 21.63
C PHE C 46 3.87 3.54 22.99
N THR C 47 3.47 4.82 23.10
CA THR C 47 3.36 5.49 24.40
C THR C 47 2.05 4.98 25.03
N PRO C 48 1.83 5.10 26.36
CA PRO C 48 0.54 4.64 26.93
C PRO C 48 -0.68 5.39 26.35
N ASP C 49 -0.46 6.56 25.69
CA ASP C 49 -1.51 7.36 25.04
C ASP C 49 -1.77 6.92 23.57
N ALA C 50 -1.31 5.72 23.20
CA ALA C 50 -1.47 5.06 21.90
C ALA C 50 -0.79 5.81 20.72
N GLU C 51 0.32 6.52 20.99
CA GLU C 51 1.09 7.21 19.95
C GLU C 51 2.27 6.30 19.57
N TRP C 52 2.40 5.93 18.29
CA TRP C 52 3.54 5.09 17.87
C TRP C 52 4.78 5.99 17.79
N VAL C 53 5.92 5.50 18.31
CA VAL C 53 7.16 6.28 18.39
C VAL C 53 8.32 5.61 17.62
N LYS C 55 9.19 1.96 14.81
CA LYS C 55 8.91 0.73 14.08
C LYS C 55 10.24 0.07 13.76
N GLN C 56 10.30 -1.27 13.82
CA GLN C 56 11.49 -2.03 13.43
C GLN C 56 11.08 -3.22 12.58
N THR C 57 11.81 -3.43 11.48
CA THR C 57 11.62 -4.49 10.51
C THR C 57 12.91 -5.29 10.42
N ASP C 58 12.88 -6.58 10.80
CA ASP C 58 14.08 -7.41 10.70
C ASP C 58 14.20 -7.98 9.31
N TRP C 59 14.92 -7.25 8.47
CA TRP C 59 15.27 -7.61 7.10
C TRP C 59 16.17 -8.85 7.09
N GLU C 60 17.02 -9.02 8.17
CA GLU C 60 17.96 -10.10 8.46
C GLU C 60 19.17 -10.17 7.53
N THR C 61 18.99 -9.89 6.23
CA THR C 61 20.05 -9.98 5.22
C THR C 61 20.35 -8.61 4.58
N LEU C 62 21.59 -8.42 4.13
CA LEU C 62 22.09 -7.20 3.50
C LEU C 62 21.49 -6.94 2.10
N ASP C 63 20.85 -7.92 1.50
CA ASP C 63 20.24 -7.72 0.17
C ASP C 63 18.98 -6.80 0.25
N GLU C 64 18.54 -6.44 1.45
CA GLU C 64 17.40 -5.53 1.64
C GLU C 64 17.81 -4.07 1.93
N VAL C 65 19.07 -3.81 2.29
CA VAL C 65 19.49 -2.47 2.69
C VAL C 65 19.72 -1.53 1.48
N PRO C 66 19.70 -0.18 1.68
CA PRO C 66 20.10 0.75 0.60
C PRO C 66 21.52 0.44 0.08
N ALA C 67 21.81 0.70 -1.22
CA ALA C 67 23.13 0.42 -1.81
C ALA C 67 24.27 1.19 -1.08
N ALA C 68 24.01 2.44 -0.65
CA ALA C 68 25.00 3.23 0.09
C ALA C 68 25.38 2.54 1.41
N VAL C 69 24.41 1.88 2.09
CA VAL C 69 24.65 1.15 3.34
C VAL C 69 25.43 -0.13 3.05
N PHE C 70 25.02 -0.87 2.00
CA PHE C 70 25.65 -2.11 1.55
C PHE C 70 27.14 -1.89 1.24
N ASN C 71 27.44 -0.83 0.46
CA ASN C 71 28.79 -0.46 0.06
C ASN C 71 29.64 0.00 1.26
N ALA C 72 29.05 0.76 2.21
CA ALA C 72 29.78 1.21 3.40
C ALA C 72 30.13 -0.01 4.26
N PHE C 73 29.17 -0.95 4.43
CA PHE C 73 29.43 -2.16 5.20
C PHE C 73 30.52 -3.01 4.51
N ALA C 74 30.45 -3.17 3.17
CA ALA C 74 31.41 -3.94 2.38
C ALA C 74 32.84 -3.36 2.45
N ALA C 75 32.97 -2.04 2.68
CA ALA C 75 34.25 -1.35 2.78
C ALA C 75 34.74 -1.24 4.23
N SER C 76 33.87 -1.57 5.22
CA SER C 76 34.19 -1.49 6.65
C SER C 76 35.06 -2.66 7.13
N GLU C 77 35.52 -2.58 8.41
CA GLU C 77 36.33 -3.60 9.08
CA GLU C 77 36.34 -3.60 9.06
C GLU C 77 35.49 -4.85 9.42
N PHE C 78 34.16 -4.79 9.22
CA PHE C 78 33.24 -5.87 9.54
C PHE C 78 32.79 -6.65 8.32
N SER C 79 33.23 -6.26 7.11
CA SER C 79 32.86 -6.87 5.82
C SER C 79 33.04 -8.39 5.79
N ASP C 80 34.09 -8.91 6.49
CA ASP C 80 34.44 -10.33 6.58
CA ASP C 80 34.43 -10.33 6.57
C ASP C 80 33.64 -11.08 7.67
N GLY C 81 32.92 -10.33 8.52
CA GLY C 81 32.14 -10.89 9.62
C GLY C 81 30.87 -11.61 9.22
N VAL C 82 30.24 -12.31 10.20
CA VAL C 82 28.98 -13.04 10.02
C VAL C 82 27.82 -12.11 10.40
N VAL C 83 26.98 -11.75 9.43
CA VAL C 83 25.84 -10.88 9.66
C VAL C 83 24.77 -11.68 10.44
N GLN C 84 24.40 -11.20 11.63
CA GLN C 84 23.45 -11.84 12.53
C GLN C 84 22.05 -11.28 12.37
N ASN C 85 21.95 -9.98 12.06
CA ASN C 85 20.67 -9.30 11.90
C ASN C 85 20.84 -7.99 11.16
N VAL C 86 19.77 -7.60 10.45
CA VAL C 86 19.66 -6.35 9.71
C VAL C 86 18.28 -5.81 10.01
N THR C 87 18.20 -4.61 10.59
CA THR C 87 16.95 -3.98 10.99
C THR C 87 16.76 -2.59 10.36
N TRP C 88 15.53 -2.32 9.87
CA TRP C 88 15.10 -1.03 9.35
C TRP C 88 14.32 -0.39 10.46
N VAL C 89 14.89 0.66 11.02
CA VAL C 89 14.33 1.38 12.17
C VAL C 89 13.71 2.65 11.65
N GLN C 90 12.42 2.86 11.98
CA GLN C 90 11.66 4.03 11.53
C GLN C 90 11.03 4.76 12.67
N PHE C 91 10.79 6.06 12.47
CA PHE C 91 10.24 6.97 13.48
C PHE C 91 9.22 7.85 12.83
N PRO C 92 8.23 8.40 13.59
CA PRO C 92 7.25 9.29 12.95
C PRO C 92 7.86 10.58 12.37
N GLU C 93 8.84 11.21 13.04
CA GLU C 93 9.37 12.51 12.60
C GLU C 93 10.78 12.46 12.09
N TRP C 94 11.49 11.39 12.36
CA TRP C 94 12.91 11.37 12.04
C TRP C 94 13.21 10.38 10.95
N GLN C 95 14.41 10.51 10.42
CA GLN C 95 14.98 9.71 9.35
C GLN C 95 15.15 8.24 9.77
N PRO C 96 14.95 7.28 8.84
CA PRO C 96 15.17 5.87 9.20
C PRO C 96 16.67 5.55 9.40
N ILE C 97 16.92 4.44 10.11
CA ILE C 97 18.26 3.97 10.43
C ILE C 97 18.37 2.49 10.03
N VAL C 98 19.55 2.08 9.53
CA VAL C 98 19.84 0.68 9.26
C VAL C 98 20.73 0.19 10.42
N ALA C 99 20.26 -0.78 11.21
CA ALA C 99 21.05 -1.37 12.29
C ALA C 99 21.53 -2.76 11.84
N ILE C 100 22.87 -2.95 11.78
CA ILE C 100 23.47 -4.22 11.38
C ILE C 100 24.21 -4.82 12.58
N GLN C 101 23.90 -6.08 12.92
CA GLN C 101 24.56 -6.82 13.99
C GLN C 101 25.47 -7.84 13.31
N VAL C 102 26.77 -7.73 13.56
CA VAL C 102 27.74 -8.59 12.89
C VAL C 102 28.69 -9.20 13.91
N GLY C 103 28.89 -10.50 13.80
CA GLY C 103 29.79 -11.23 14.67
C GLY C 103 31.13 -11.48 14.03
N LYS C 104 32.19 -11.44 14.85
CA LYS C 104 33.55 -11.73 14.43
C LYS C 104 33.93 -13.00 15.21
N PRO C 105 33.54 -14.20 14.70
CA PRO C 105 33.72 -15.45 15.49
C PRO C 105 35.16 -15.78 15.88
N ASN C 106 36.15 -15.38 15.06
CA ASN C 106 37.57 -15.66 15.33
C ASN C 106 38.09 -14.73 16.44
N GLN C 108 35.87 -13.54 18.69
CA GLN C 108 34.87 -13.89 19.71
C GLN C 108 34.19 -12.60 20.25
N LYS C 110 30.93 -9.50 19.15
CA LYS C 110 29.73 -9.14 18.40
C LYS C 110 29.62 -7.62 18.38
N TYR C 111 29.30 -7.07 17.20
CA TYR C 111 29.19 -5.62 17.02
C TYR C 111 27.84 -5.21 16.45
N GLN C 112 27.45 -3.96 16.73
CA GLN C 112 26.23 -3.34 16.21
C GLN C 112 26.60 -2.01 15.57
N ILE C 113 26.31 -1.86 14.28
CA ILE C 113 26.62 -0.62 13.55
C ILE C 113 25.32 -0.02 13.09
N LEU C 114 25.15 1.28 13.41
CA LEU C 114 23.99 2.08 13.01
C LEU C 114 24.39 2.98 11.86
N PHE C 115 23.65 2.89 10.76
CA PHE C 115 23.91 3.65 9.55
C PHE C 115 22.74 4.54 9.17
N THR C 116 23.04 5.68 8.56
CA THR C 116 22.00 6.49 7.93
C THR C 116 21.72 5.80 6.58
N PRO C 117 20.60 6.05 5.88
CA PRO C 117 20.40 5.43 4.54
C PRO C 117 21.51 5.81 3.53
N LYS C 118 22.25 6.93 3.75
CA LYS C 118 23.35 7.41 2.89
C LYS C 118 24.70 6.67 3.19
N GLY C 119 24.69 5.77 4.16
CA GLY C 119 25.86 4.97 4.49
C GLY C 119 26.80 5.57 5.52
N GLU C 120 26.39 6.66 6.19
CA GLU C 120 27.17 7.33 7.23
CA GLU C 120 27.25 7.26 7.20
C GLU C 120 27.03 6.54 8.53
N VAL C 121 28.13 6.30 9.24
CA VAL C 121 28.11 5.59 10.52
C VAL C 121 27.66 6.57 11.63
N LEU C 122 26.60 6.21 12.35
CA LEU C 122 26.07 6.96 13.48
C LEU C 122 26.69 6.48 14.79
N ARG C 123 26.90 5.13 14.89
CA ARG C 123 27.43 4.45 16.07
CA ARG C 123 27.49 4.48 16.06
C ARG C 123 27.99 3.10 15.68
N GLN C 124 29.04 2.67 16.38
CA GLN C 124 29.72 1.38 16.30
C GLN C 124 29.85 0.90 17.74
N GLN C 125 29.14 -0.14 18.09
CA GLN C 125 29.09 -0.55 19.49
C GLN C 125 29.44 -2.01 19.61
N ASN C 126 30.20 -2.33 20.65
CA ASN C 126 30.57 -3.70 20.96
C ASN C 126 29.45 -4.23 21.81
N ILE C 127 28.66 -5.16 21.25
CA ILE C 127 27.50 -5.71 21.91
C ILE C 127 27.75 -7.14 22.43
N THR C 128 29.03 -7.56 22.55
CA THR C 128 29.39 -8.86 23.11
C THR C 128 28.87 -8.89 24.56
N ASN C 129 28.00 -9.88 24.88
CA ASN C 129 27.41 -10.08 26.21
C ASN C 129 26.48 -8.91 26.65
N ALA C 130 25.91 -8.17 25.68
CA ALA C 130 24.97 -7.09 25.93
C ALA C 130 23.58 -7.54 25.57
N TYR C 131 22.56 -7.00 26.29
CA TYR C 131 21.15 -7.35 26.23
C TYR C 131 20.27 -6.20 25.68
N ASN C 132 19.24 -6.55 24.85
CA ASN C 132 18.24 -5.67 24.23
C ASN C 132 18.92 -4.41 23.63
N THR C 133 19.83 -4.65 22.68
CA THR C 133 20.66 -3.61 22.06
C THR C 133 19.88 -2.81 20.98
N LEU C 134 18.66 -3.23 20.62
CA LEU C 134 17.82 -2.53 19.63
C LEU C 134 16.55 -1.92 20.25
N GLY C 135 16.47 -1.88 21.56
CA GLY C 135 15.31 -1.36 22.28
C GLY C 135 15.26 0.16 22.43
N ALA C 136 14.28 0.63 23.22
CA ALA C 136 14.05 2.04 23.51
C ALA C 136 15.32 2.75 24.02
N SER C 137 16.15 2.08 24.84
CA SER C 137 17.35 2.74 25.38
C SER C 137 18.39 3.10 24.29
N THR C 138 18.37 2.43 23.12
CA THR C 138 19.30 2.74 22.02
C THR C 138 18.77 3.88 21.13
N PHE C 139 17.44 3.96 20.92
CA PHE C 139 16.88 4.91 19.98
C PHE C 139 15.93 5.96 20.55
N LEU C 140 15.30 5.72 21.72
CA LEU C 140 14.28 6.61 22.30
C LEU C 140 14.66 7.19 23.67
N GLY D 2 -20.71 12.87 -26.64
CA GLY D 2 -19.36 13.38 -26.38
C GLY D 2 -18.32 12.87 -27.37
N TYR D 3 -17.12 13.47 -27.34
CA TYR D 3 -16.07 13.04 -28.26
C TYR D 3 -15.07 12.08 -27.63
N ALA D 4 -14.67 11.10 -28.45
CA ALA D 4 -13.64 10.10 -28.19
C ALA D 4 -13.16 9.56 -29.53
N PRO D 5 -11.84 9.34 -29.73
CA PRO D 5 -11.38 8.77 -31.01
C PRO D 5 -11.99 7.38 -31.24
N ASP D 6 -12.16 6.99 -32.52
CA ASP D 6 -12.73 5.72 -32.92
C ASP D 6 -12.05 4.53 -32.23
N SER D 7 -10.70 4.55 -32.15
CA SER D 7 -9.89 3.50 -31.53
C SER D 7 -10.26 3.29 -30.07
N VAL D 8 -10.53 4.39 -29.34
CA VAL D 8 -10.88 4.40 -27.92
C VAL D 8 -12.29 3.81 -27.74
N GLN D 9 -13.23 4.21 -28.63
CA GLN D 9 -14.61 3.71 -28.62
C GLN D 9 -14.66 2.21 -28.91
N ILE D 10 -13.81 1.75 -29.86
CA ILE D 10 -13.70 0.33 -30.25
C ILE D 10 -13.14 -0.46 -29.06
N ALA D 11 -12.13 0.09 -28.37
CA ALA D 11 -11.49 -0.53 -27.21
C ALA D 11 -12.48 -0.76 -26.07
N LEU D 12 -13.35 0.22 -25.77
CA LEU D 12 -14.36 0.09 -24.71
C LEU D 12 -15.42 -0.95 -25.10
N LYS D 13 -15.87 -0.94 -26.38
CA LYS D 13 -16.88 -1.88 -26.87
CA LYS D 13 -16.88 -1.88 -26.87
C LYS D 13 -16.36 -3.32 -26.79
N LYS D 14 -15.05 -3.55 -27.02
CA LYS D 14 -14.42 -4.88 -26.94
C LYS D 14 -14.46 -5.38 -25.48
N TYR D 16 -16.66 -4.09 -22.95
CA TYR D 16 -18.05 -4.13 -22.50
C TYR D 16 -18.98 -4.04 -23.71
N PRO D 17 -19.20 -5.18 -24.41
CA PRO D 17 -20.10 -5.17 -25.59
C PRO D 17 -21.55 -4.82 -25.29
N THR D 18 -22.02 -5.06 -24.06
CA THR D 18 -23.40 -4.77 -23.64
C THR D 18 -23.57 -3.31 -23.15
N ALA D 19 -22.47 -2.52 -23.05
CA ALA D 19 -22.52 -1.11 -22.61
C ALA D 19 -23.30 -0.28 -23.59
N ALA D 20 -24.28 0.46 -23.09
CA ALA D 20 -25.17 1.30 -23.90
C ALA D 20 -25.30 2.68 -23.28
N GLY D 21 -25.59 3.67 -24.13
CA GLY D 21 -25.76 5.06 -23.73
C GLY D 21 -24.53 5.62 -23.06
N ILE D 22 -23.37 5.39 -23.71
CA ILE D 22 -22.07 5.83 -23.24
C ILE D 22 -21.91 7.33 -23.49
N ALA D 23 -21.51 8.06 -22.45
CA ALA D 23 -21.22 9.49 -22.47
C ALA D 23 -19.72 9.67 -22.30
N TRP D 24 -19.08 10.31 -23.30
CA TRP D 24 -17.65 10.55 -23.33
C TRP D 24 -17.33 11.97 -22.91
N SER D 25 -16.25 12.10 -22.16
CA SER D 25 -15.71 13.38 -21.69
C SER D 25 -14.19 13.29 -21.59
N GLN D 26 -13.53 14.43 -21.41
CA GLN D 26 -12.09 14.46 -21.23
C GLN D 26 -11.76 14.82 -19.81
N ASP D 27 -10.76 14.14 -19.25
CA ASP D 27 -10.26 14.36 -17.90
C ASP D 27 -8.74 14.38 -17.99
N LYS D 28 -8.16 15.59 -17.99
CA LYS D 28 -6.72 15.84 -18.14
C LYS D 28 -6.28 15.20 -19.48
N ALA D 29 -5.30 14.29 -19.45
CA ALA D 29 -4.80 13.64 -20.67
C ALA D 29 -5.62 12.38 -21.07
N TYR D 30 -6.79 12.17 -20.46
CA TYR D 30 -7.59 10.96 -20.68
C TYR D 30 -8.98 11.20 -21.23
N TYR D 31 -9.49 10.18 -21.95
CA TYR D 31 -10.87 10.09 -22.42
C TYR D 31 -11.59 9.24 -21.40
N VAL D 32 -12.72 9.71 -20.88
CA VAL D 32 -13.50 8.96 -19.89
C VAL D 32 -14.84 8.55 -20.47
N ALA D 33 -15.13 7.23 -20.38
CA ALA D 33 -16.41 6.64 -20.76
C ALA D 33 -17.26 6.49 -19.50
N ASP D 34 -18.49 6.99 -19.55
CA ASP D 34 -19.44 6.97 -18.45
C ASP D 34 -20.70 6.22 -18.92
N PHE D 35 -21.07 5.12 -18.21
CA PHE D 35 -22.23 4.26 -18.55
C PHE D 35 -22.67 3.46 -17.33
N VAL D 36 -23.80 2.76 -17.44
CA VAL D 36 -24.37 1.90 -16.41
C VAL D 36 -24.08 0.43 -16.79
N ASN D 38 -24.84 -3.48 -15.02
CA ASN D 38 -25.53 -4.24 -13.96
C ASN D 38 -26.02 -3.27 -12.86
N GLY D 39 -26.66 -2.17 -13.29
CA GLY D 39 -27.19 -1.17 -12.39
C GLY D 39 -26.17 -0.29 -11.70
N PHE D 40 -24.87 -0.44 -12.01
CA PHE D 40 -23.85 0.39 -11.36
C PHE D 40 -23.31 1.42 -12.29
N ASP D 41 -23.18 2.67 -11.79
CA ASP D 41 -22.51 3.73 -12.55
C ASP D 41 -21.05 3.37 -12.69
N THR D 42 -20.58 3.28 -13.93
CA THR D 42 -19.22 2.87 -14.30
C THR D 42 -18.54 3.93 -15.13
N ARG D 43 -17.27 4.18 -14.85
CA ARG D 43 -16.41 5.10 -15.59
C ARG D 43 -15.12 4.40 -15.93
N VAL D 44 -14.62 4.55 -17.17
CA VAL D 44 -13.38 3.94 -17.64
C VAL D 44 -12.52 5.03 -18.31
N TRP D 45 -11.24 5.17 -17.85
CA TRP D 45 -10.28 6.13 -18.36
C TRP D 45 -9.40 5.49 -19.41
N PHE D 46 -9.16 6.19 -20.51
CA PHE D 46 -8.32 5.75 -21.62
C PHE D 46 -7.27 6.77 -22.01
N THR D 47 -6.08 6.31 -22.40
CA THR D 47 -5.07 7.16 -23.01
C THR D 47 -5.52 7.43 -24.46
N PRO D 48 -5.02 8.45 -25.18
CA PRO D 48 -5.45 8.65 -26.58
C PRO D 48 -5.10 7.45 -27.49
N ASP D 49 -4.17 6.57 -27.05
CA ASP D 49 -3.73 5.36 -27.76
C ASP D 49 -4.61 4.13 -27.43
N ALA D 50 -5.82 4.38 -26.87
CA ALA D 50 -6.87 3.40 -26.53
C ALA D 50 -6.44 2.36 -25.44
N GLU D 51 -5.55 2.75 -24.50
CA GLU D 51 -5.14 1.91 -23.38
C GLU D 51 -5.95 2.29 -22.15
N TRP D 52 -6.70 1.34 -21.53
CA TRP D 52 -7.48 1.67 -20.32
C TRP D 52 -6.50 1.72 -19.14
N VAL D 53 -6.65 2.74 -18.28
CA VAL D 53 -5.72 2.99 -17.15
C VAL D 53 -6.47 2.99 -15.80
N LYS D 55 -10.65 2.06 -13.95
CA LYS D 55 -12.08 1.72 -13.96
C LYS D 55 -12.63 2.13 -12.61
N GLN D 56 -13.84 2.67 -12.58
CA GLN D 56 -14.52 3.00 -11.32
C GLN D 56 -15.95 2.49 -11.37
N THR D 57 -16.40 1.90 -10.27
CA THR D 57 -17.75 1.40 -10.15
C THR D 57 -18.29 1.96 -8.86
N ASP D 58 -19.42 2.65 -8.97
CA ASP D 58 -20.06 3.23 -7.82
C ASP D 58 -20.96 2.22 -7.15
N TRP D 59 -20.49 1.61 -6.05
CA TRP D 59 -21.22 0.64 -5.23
C TRP D 59 -22.23 1.39 -4.36
N GLU D 60 -21.92 2.65 -4.05
CA GLU D 60 -22.74 3.62 -3.31
C GLU D 60 -22.92 3.32 -1.79
N THR D 61 -23.05 2.01 -1.40
CA THR D 61 -23.27 1.56 -0.03
C THR D 61 -22.07 0.72 0.52
N LEU D 62 -21.82 0.84 1.84
CA LEU D 62 -20.76 0.12 2.57
C LEU D 62 -21.03 -1.39 2.69
N ASP D 63 -22.26 -1.85 2.43
CA ASP D 63 -22.59 -3.25 2.55
C ASP D 63 -21.95 -4.08 1.42
N GLU D 64 -21.33 -3.42 0.43
CA GLU D 64 -20.68 -4.12 -0.68
C GLU D 64 -19.17 -4.20 -0.54
N VAL D 65 -18.59 -3.43 0.38
CA VAL D 65 -17.13 -3.47 0.50
C VAL D 65 -16.67 -4.66 1.37
N PRO D 66 -15.44 -5.18 1.15
CA PRO D 66 -14.91 -6.24 2.03
C PRO D 66 -14.97 -5.82 3.51
N ALA D 67 -15.20 -6.76 4.41
CA ALA D 67 -15.37 -6.50 5.84
C ALA D 67 -14.19 -5.71 6.45
N ALA D 68 -12.96 -5.89 5.94
CA ALA D 68 -11.80 -5.15 6.44
C ALA D 68 -11.98 -3.63 6.29
N VAL D 69 -12.57 -3.17 5.15
CA VAL D 69 -12.81 -1.74 4.87
C VAL D 69 -13.98 -1.26 5.74
N PHE D 70 -15.05 -2.06 5.81
CA PHE D 70 -16.23 -1.77 6.62
C PHE D 70 -15.85 -1.50 8.08
N ASN D 71 -15.04 -2.40 8.67
CA ASN D 71 -14.57 -2.32 10.05
C ASN D 71 -13.63 -1.14 10.26
N ALA D 72 -12.73 -0.86 9.30
CA ALA D 72 -11.83 0.29 9.41
C ALA D 72 -12.63 1.60 9.35
N PHE D 73 -13.64 1.69 8.46
CA PHE D 73 -14.49 2.88 8.39
C PHE D 73 -15.28 3.04 9.71
N ALA D 74 -15.84 1.94 10.24
CA ALA D 74 -16.62 1.95 11.50
C ALA D 74 -15.76 2.38 12.70
N ALA D 75 -14.44 2.16 12.65
CA ALA D 75 -13.50 2.53 13.71
C ALA D 75 -12.90 3.94 13.49
N SER D 76 -13.08 4.53 12.29
CA SER D 76 -12.55 5.85 11.95
C SER D 76 -13.38 6.98 12.58
N GLU D 77 -12.87 8.24 12.47
CA GLU D 77 -13.54 9.44 12.99
C GLU D 77 -14.75 9.86 12.11
N PHE D 78 -14.99 9.13 10.99
CA PHE D 78 -16.08 9.40 10.05
C PHE D 78 -17.23 8.44 10.17
N SER D 79 -17.13 7.46 11.10
CA SER D 79 -18.13 6.41 11.34
C SER D 79 -19.53 6.93 11.54
N ASP D 80 -19.67 8.11 12.17
CA ASP D 80 -20.95 8.75 12.48
C ASP D 80 -21.46 9.64 11.32
N GLY D 81 -20.64 9.83 10.28
CA GLY D 81 -21.00 10.66 9.13
C GLY D 81 -21.99 10.04 8.17
N VAL D 82 -22.48 10.85 7.20
CA VAL D 82 -23.43 10.42 6.17
C VAL D 82 -22.66 9.97 4.93
N VAL D 83 -22.71 8.67 4.59
CA VAL D 83 -22.02 8.12 3.42
C VAL D 83 -22.73 8.61 2.17
N GLN D 84 -21.99 9.33 1.30
CA GLN D 84 -22.49 9.92 0.06
C GLN D 84 -22.20 9.02 -1.15
N ASN D 85 -21.08 8.29 -1.13
CA ASN D 85 -20.68 7.43 -2.24
C ASN D 85 -19.61 6.44 -1.79
N VAL D 86 -19.57 5.30 -2.47
CA VAL D 86 -18.60 4.22 -2.28
C VAL D 86 -18.20 3.76 -3.67
N THR D 87 -16.91 3.85 -3.98
CA THR D 87 -16.38 3.52 -5.30
C THR D 87 -15.29 2.47 -5.21
N TRP D 88 -15.44 1.45 -6.06
CA TRP D 88 -14.44 0.41 -6.25
C TRP D 88 -13.57 0.88 -7.41
N VAL D 89 -12.33 1.23 -7.13
CA VAL D 89 -11.39 1.78 -8.13
C VAL D 89 -10.39 0.68 -8.52
N GLN D 90 -10.40 0.31 -9.82
CA GLN D 90 -9.55 -0.73 -10.40
C GLN D 90 -8.58 -0.13 -11.39
N PHE D 91 -7.45 -0.81 -11.54
CA PHE D 91 -6.37 -0.43 -12.43
C PHE D 91 -5.84 -1.65 -13.15
N PRO D 92 -5.21 -1.54 -14.35
CA PRO D 92 -4.69 -2.75 -15.01
C PRO D 92 -3.59 -3.48 -14.18
N GLU D 93 -2.72 -2.73 -13.44
CA GLU D 93 -1.62 -3.32 -12.67
C GLU D 93 -1.65 -2.96 -11.18
N TRP D 94 -2.03 -1.74 -10.84
CA TRP D 94 -1.95 -1.34 -9.44
C TRP D 94 -3.07 -1.96 -8.59
N GLN D 95 -2.84 -2.03 -7.26
CA GLN D 95 -3.80 -2.63 -6.33
C GLN D 95 -5.09 -1.80 -6.31
N PRO D 96 -6.30 -2.44 -6.23
CA PRO D 96 -7.54 -1.64 -6.22
C PRO D 96 -7.68 -0.80 -4.93
N ILE D 97 -8.53 0.22 -4.99
CA ILE D 97 -8.78 1.16 -3.90
C ILE D 97 -10.29 1.28 -3.65
N VAL D 98 -10.67 1.43 -2.37
CA VAL D 98 -12.06 1.73 -1.98
C VAL D 98 -12.07 3.22 -1.63
N ALA D 99 -12.82 4.02 -2.38
CA ALA D 99 -12.97 5.46 -2.09
C ALA D 99 -14.34 5.70 -1.48
N ILE D 100 -14.35 6.22 -0.24
CA ILE D 100 -15.60 6.51 0.48
C ILE D 100 -15.71 8.01 0.66
N GLN D 101 -16.85 8.58 0.23
CA GLN D 101 -17.17 10.00 0.40
C GLN D 101 -18.19 10.10 1.50
N VAL D 102 -17.86 10.83 2.54
CA VAL D 102 -18.73 10.91 3.69
C VAL D 102 -18.82 12.37 4.14
N GLY D 103 -20.04 12.79 4.38
CA GLY D 103 -20.30 14.14 4.84
C GLY D 103 -20.46 14.20 6.34
N LYS D 104 -19.99 15.30 6.93
CA LYS D 104 -20.16 15.62 8.35
C LYS D 104 -21.06 16.88 8.35
N PRO D 105 -22.41 16.70 8.20
CA PRO D 105 -23.30 17.88 8.06
C PRO D 105 -23.28 18.86 9.23
N ASN D 106 -23.01 18.38 10.46
CA ASN D 106 -22.97 19.21 11.67
C ASN D 106 -21.69 20.06 11.69
N GLN D 108 -20.25 20.81 8.75
CA GLN D 108 -20.45 21.48 7.44
C GLN D 108 -19.22 21.24 6.55
N LYS D 110 -17.18 17.93 3.99
CA LYS D 110 -17.29 16.70 3.22
C LYS D 110 -15.87 16.12 3.07
N TYR D 111 -15.75 14.80 3.29
CA TYR D 111 -14.46 14.12 3.23
C TYR D 111 -14.46 12.97 2.27
N GLN D 112 -13.25 12.62 1.80
CA GLN D 112 -13.02 11.47 0.93
C GLN D 112 -11.88 10.64 1.54
N ILE D 113 -12.14 9.37 1.85
CA ILE D 113 -11.13 8.48 2.42
C ILE D 113 -10.87 7.37 1.45
N LEU D 114 -9.58 7.12 1.16
CA LEU D 114 -9.09 6.08 0.29
C LEU D 114 -8.52 4.95 1.14
N PHE D 115 -9.02 3.75 0.91
CA PHE D 115 -8.62 2.54 1.63
C PHE D 115 -8.07 1.49 0.72
N THR D 116 -7.14 0.68 1.25
CA THR D 116 -6.72 -0.52 0.53
C THR D 116 -7.84 -1.54 0.79
N PRO D 117 -7.99 -2.63 0.01
CA PRO D 117 -9.04 -3.64 0.34
C PRO D 117 -8.86 -4.28 1.74
N LYS D 118 -7.65 -4.19 2.34
CA LYS D 118 -7.32 -4.72 3.66
C LYS D 118 -7.67 -3.76 4.78
N GLY D 119 -8.21 -2.59 4.45
CA GLY D 119 -8.64 -1.60 5.43
C GLY D 119 -7.59 -0.59 5.87
N GLU D 120 -6.45 -0.51 5.21
CA GLU D 120 -5.43 0.49 5.53
C GLU D 120 -5.80 1.83 4.91
N VAL D 121 -5.64 2.95 5.64
CA VAL D 121 -5.92 4.29 5.13
C VAL D 121 -4.76 4.73 4.26
N LEU D 122 -5.06 5.09 2.99
CA LEU D 122 -4.06 5.61 2.06
C LEU D 122 -4.02 7.12 2.08
N ARG D 123 -5.22 7.74 2.19
CA ARG D 123 -5.41 9.17 2.12
C ARG D 123 -6.73 9.55 2.72
N GLN D 124 -6.78 10.75 3.23
CA GLN D 124 -7.91 11.41 3.84
C GLN D 124 -7.91 12.81 3.24
N GLN D 125 -8.90 13.15 2.43
CA GLN D 125 -9.02 14.45 1.75
C GLN D 125 -10.24 15.20 2.21
N ASN D 126 -10.13 16.50 2.35
CA ASN D 126 -11.25 17.38 2.65
C ASN D 126 -11.74 17.86 1.28
N ILE D 127 -12.92 17.38 0.87
CA ILE D 127 -13.49 17.69 -0.44
C ILE D 127 -14.66 18.69 -0.35
N THR D 128 -14.75 19.45 0.77
CA THR D 128 -15.78 20.48 0.94
C THR D 128 -15.60 21.49 -0.18
N ASN D 129 -16.68 21.70 -0.98
CA ASN D 129 -16.78 22.64 -2.11
C ASN D 129 -15.78 22.31 -3.24
N ALA D 130 -15.41 21.02 -3.37
CA ALA D 130 -14.51 20.55 -4.42
C ALA D 130 -15.31 19.76 -5.44
N TYR D 131 -14.87 19.82 -6.72
CA TYR D 131 -15.44 19.09 -7.87
C TYR D 131 -14.50 17.98 -8.37
N ASN D 132 -15.08 16.95 -9.01
CA ASN D 132 -14.38 15.82 -9.64
C ASN D 132 -13.18 15.33 -8.77
N THR D 133 -13.50 14.94 -7.54
CA THR D 133 -12.52 14.50 -6.54
C THR D 133 -12.08 13.03 -6.74
N LEU D 134 -12.70 12.33 -7.68
CA LEU D 134 -12.39 10.93 -8.00
C LEU D 134 -11.78 10.81 -9.41
N GLY D 135 -11.40 11.92 -10.00
CA GLY D 135 -10.83 11.95 -11.35
C GLY D 135 -9.36 11.63 -11.42
N ALA D 136 -8.79 11.84 -12.62
CA ALA D 136 -7.38 11.57 -12.94
C ALA D 136 -6.42 12.27 -11.96
N SER D 137 -6.74 13.51 -11.52
CA SER D 137 -5.87 14.27 -10.63
C SER D 137 -5.71 13.60 -9.25
N THR D 138 -6.66 12.75 -8.81
CA THR D 138 -6.56 12.02 -7.54
C THR D 138 -5.77 10.71 -7.68
N PHE D 139 -5.95 9.99 -8.81
CA PHE D 139 -5.38 8.65 -8.96
C PHE D 139 -4.35 8.45 -10.04
N LEU D 140 -4.32 9.30 -11.08
CA LEU D 140 -3.43 9.13 -12.21
C LEU D 140 -2.42 10.30 -12.41
#